data_3SAU
#
_entry.id   3SAU
#
_cell.length_a   45.423
_cell.length_b   93.436
_cell.length_c   104.920
_cell.angle_alpha   90.00
_cell.angle_beta   90.00
_cell.angle_gamma   90.00
#
_symmetry.space_group_name_H-M   'P 21 21 21'
#
loop_
_entity.id
_entity.type
_entity.pdbx_description
1 polymer 'DNA GLYCOSYLASE'
2 polymer "5'-D(*A*GP*GP*TP*AP*GP*AP*CP*CP*AP*GP*GP*AP*CP*GP*C)-3'"
3 polymer "5'-D(*TP*GP*CP*GP*T*CP*CP*TP*GP*GP*(TX2) P*CP*TP*AP*CP*C)-3'"
4 non-polymer 'ZINC ION'
5 water water
#
loop_
_entity_poly.entity_id
_entity_poly.type
_entity_poly.pdbx_seq_one_letter_code
_entity_poly.pdbx_strand_id
1 'polypeptide(L)'
;PELPEVETIRRTLLPLIVGKTIEDVRIFWPNIIRHPRDSEAFAARMIGQTVRGLERRGKFLKFLLDRDALISHLRMEGRY
AVASALEPLEPHTHVVFCFTDGSELRYRDVRKFGTMHVYAKEEADRRPPLAELGPEPLSPAFSPAVLAERAVKTKRSVKA
LLLDCTVVAGFGNIYVDESLFRAGILPGRPAASLSSKEIERLHEEMVATIGEAVMKGGSTVRTYVNTQGEAGTFQHHLYV
YGRQGNPCKRCGTPIEKTVVAGRGTHYCPRCQR
;
A
2 'polydeoxyribonucleotide' (DA)(DG)(DG)(DT)(DA)(DG)(DA)(DC)(DC)(DA)(DG)(DG)(DA)(DC)(DG)(DC) B
3 'polydeoxyribonucleotide' (DT)(DG)(DC)(DG)(DT)(DC)(DC)(DT)(DG)(DG)(TX2)(DC)(DT)(DA)(DC)(DC) C
#
loop_
_chem_comp.id
_chem_comp.type
_chem_comp.name
_chem_comp.formula
DA DNA linking 2'-DEOXYADENOSINE-5'-MONOPHOSPHATE 'C10 H14 N5 O6 P'
DC DNA linking 2'-DEOXYCYTIDINE-5'-MONOPHOSPHATE 'C9 H14 N3 O7 P'
DG DNA linking 2'-DEOXYGUANOSINE-5'-MONOPHOSPHATE 'C10 H14 N5 O7 P'
DT DNA linking THYMIDINE-5'-MONOPHOSPHATE 'C10 H15 N2 O8 P'
TX2 DNA linking 5'-O-{(R)-hydroxy[(2-sulfanylethyl)amino]phosphoryl}thymidine 'C12 H20 N3 O7 P S'
ZN non-polymer 'ZINC ION' 'Zn 2'
#
# COMPACT_ATOMS: atom_id res chain seq x y z
N PRO A 1 3.82 6.09 -1.45
CA PRO A 1 2.91 5.75 -2.54
C PRO A 1 1.64 5.05 -2.05
N GLU A 2 0.48 5.50 -2.52
CA GLU A 2 -0.75 4.80 -2.19
C GLU A 2 -1.08 3.72 -3.21
N LEU A 3 -2.16 2.97 -2.99
CA LEU A 3 -2.45 1.80 -3.81
C LEU A 3 -2.43 2.06 -5.32
N PRO A 4 -3.04 3.17 -5.78
CA PRO A 4 -3.02 3.39 -7.22
C PRO A 4 -1.60 3.63 -7.74
N GLU A 5 -0.76 4.30 -6.96
CA GLU A 5 0.62 4.55 -7.37
C GLU A 5 1.40 3.24 -7.39
N VAL A 6 1.11 2.34 -6.44
CA VAL A 6 1.80 1.05 -6.42
C VAL A 6 1.40 0.22 -7.62
N GLU A 7 0.12 0.28 -8.00
CA GLU A 7 -0.31 -0.40 -9.21
C GLU A 7 0.42 0.13 -10.45
N THR A 8 0.65 1.44 -10.50
CA THR A 8 1.38 2.02 -11.62
C THR A 8 2.84 1.55 -11.65
N ILE A 9 3.45 1.51 -10.47
CA ILE A 9 4.81 0.98 -10.35
C ILE A 9 4.86 -0.46 -10.83
N ARG A 10 3.91 -1.28 -10.39
CA ARG A 10 3.89 -2.67 -10.80
C ARG A 10 3.89 -2.79 -12.32
N ARG A 11 3.00 -2.03 -12.96
CA ARG A 11 2.82 -2.13 -14.40
C ARG A 11 4.03 -1.63 -15.17
N THR A 12 4.64 -0.55 -14.69
CA THR A 12 5.72 0.08 -15.44
C THR A 12 7.08 -0.56 -15.15
N LEU A 13 7.25 -1.09 -13.93
CA LEU A 13 8.53 -1.67 -13.56
C LEU A 13 8.73 -3.07 -14.17
N LEU A 14 7.64 -3.82 -14.31
CA LEU A 14 7.74 -5.20 -14.77
C LEU A 14 8.55 -5.37 -16.07
N PRO A 15 8.20 -4.64 -17.13
CA PRO A 15 8.98 -4.87 -18.36
C PRO A 15 10.44 -4.46 -18.26
N LEU A 16 10.78 -3.61 -17.30
CA LEU A 16 12.16 -3.15 -17.13
C LEU A 16 13.05 -4.15 -16.41
N ILE A 17 12.45 -5.15 -15.77
CA ILE A 17 13.24 -6.14 -15.05
C ILE A 17 12.94 -7.59 -15.42
N VAL A 18 11.84 -7.84 -16.11
CA VAL A 18 11.49 -9.22 -16.38
C VAL A 18 12.57 -9.92 -17.20
N GLY A 19 12.92 -11.15 -16.81
CA GLY A 19 13.90 -11.93 -17.53
C GLY A 19 15.34 -11.64 -17.18
N LYS A 20 15.58 -10.66 -16.31
CA LYS A 20 16.94 -10.36 -15.88
C LYS A 20 17.36 -11.27 -14.75
N THR A 21 18.63 -11.61 -14.69
CA THR A 21 19.15 -12.52 -13.67
C THR A 21 19.98 -11.76 -12.65
N ILE A 22 19.71 -12.02 -11.37
CA ILE A 22 20.45 -11.36 -10.29
C ILE A 22 21.86 -11.90 -10.13
N GLU A 23 22.83 -11.00 -10.16
CA GLU A 23 24.24 -11.37 -9.97
C GLU A 23 24.78 -10.97 -8.60
N ASP A 24 24.19 -9.95 -8.00
CA ASP A 24 24.61 -9.50 -6.69
C ASP A 24 23.48 -8.72 -6.05
N VAL A 25 23.46 -8.68 -4.72
CA VAL A 25 22.50 -7.86 -4.00
C VAL A 25 23.31 -7.11 -2.98
N ARG A 26 23.23 -5.78 -3.03
CA ARG A 26 24.01 -4.94 -2.13
C ARG A 26 23.08 -4.19 -1.18
N ILE A 27 23.42 -4.22 0.11
CA ILE A 27 22.54 -3.67 1.11
C ILE A 27 23.29 -2.64 1.93
N PHE A 28 22.77 -1.42 1.94
CA PHE A 28 23.41 -0.29 2.62
C PHE A 28 22.66 0.15 3.88
N TRP A 29 21.45 -0.34 4.07
CA TRP A 29 20.70 -0.17 5.33
C TRP A 29 19.99 -1.48 5.66
N PRO A 30 20.64 -2.33 6.46
CA PRO A 30 20.17 -3.70 6.67
C PRO A 30 18.80 -3.78 7.36
N ASN A 31 18.39 -2.75 8.08
CA ASN A 31 17.11 -2.78 8.80
C ASN A 31 15.91 -2.92 7.88
N ILE A 32 16.09 -2.56 6.61
CA ILE A 32 15.01 -2.70 5.62
C ILE A 32 14.69 -4.17 5.40
N ILE A 33 15.71 -5.02 5.52
CA ILE A 33 15.54 -6.45 5.33
C ILE A 33 14.92 -7.09 6.58
N ARG A 34 13.73 -7.68 6.44
CA ARG A 34 13.00 -8.23 7.58
C ARG A 34 12.98 -9.77 7.61
N HIS A 35 13.10 -10.40 6.44
CA HIS A 35 13.26 -11.85 6.37
C HIS A 35 13.99 -12.24 5.11
N PRO A 36 15.00 -13.13 5.21
CA PRO A 36 15.61 -13.63 6.45
C PRO A 36 16.10 -12.46 7.31
N ARG A 37 16.19 -12.66 8.61
CA ARG A 37 16.59 -11.58 9.51
C ARG A 37 17.99 -11.08 9.18
N ASP A 38 18.86 -12.01 8.80
CA ASP A 38 20.25 -11.70 8.44
C ASP A 38 20.31 -11.21 7.00
N SER A 39 20.72 -9.96 6.81
CA SER A 39 20.75 -9.40 5.45
C SER A 39 21.70 -10.16 4.53
N GLU A 40 22.70 -10.82 5.09
CA GLU A 40 23.63 -11.59 4.27
C GLU A 40 22.98 -12.82 3.65
N ALA A 41 22.06 -13.43 4.41
CA ALA A 41 21.29 -14.56 3.88
C ALA A 41 20.30 -14.11 2.81
N PHE A 42 19.67 -12.95 3.05
CA PHE A 42 18.77 -12.33 2.06
C PHE A 42 19.50 -12.14 0.73
N ALA A 43 20.67 -11.51 0.78
CA ALA A 43 21.43 -11.27 -0.44
C ALA A 43 21.85 -12.58 -1.12
N ALA A 44 22.38 -13.50 -0.32
CA ALA A 44 22.90 -14.74 -0.86
C ALA A 44 21.84 -15.56 -1.61
N ARG A 45 20.63 -15.61 -1.06
CA ARG A 45 19.64 -16.53 -1.62
C ARG A 45 19.10 -16.03 -2.95
N MET A 46 19.17 -14.72 -3.16
CA MET A 46 18.62 -14.15 -4.38
C MET A 46 19.56 -14.27 -5.57
N ILE A 47 20.86 -14.37 -5.29
CA ILE A 47 21.84 -14.47 -6.37
C ILE A 47 21.59 -15.68 -7.27
N GLY A 48 21.56 -15.45 -8.58
CA GLY A 48 21.32 -16.54 -9.52
C GLY A 48 19.88 -16.74 -9.95
N GLN A 49 18.95 -16.06 -9.28
CA GLN A 49 17.56 -16.14 -9.68
C GLN A 49 17.20 -15.10 -10.73
N THR A 50 16.30 -15.49 -11.61
CA THR A 50 15.78 -14.59 -12.65
C THR A 50 14.42 -14.03 -12.27
N VAL A 51 14.19 -12.76 -12.60
CA VAL A 51 12.90 -12.13 -12.34
C VAL A 51 11.86 -12.63 -13.35
N ARG A 52 10.77 -13.19 -12.83
CA ARG A 52 9.76 -13.78 -13.70
C ARG A 52 8.45 -12.99 -13.73
N GLY A 53 8.17 -12.24 -12.68
CA GLY A 53 6.91 -11.49 -12.63
C GLY A 53 6.86 -10.47 -11.53
N LEU A 54 5.80 -9.68 -11.51
CA LEU A 54 5.66 -8.67 -10.48
C LEU A 54 4.19 -8.46 -10.26
N GLU A 55 3.75 -8.74 -9.04
CA GLU A 55 2.35 -8.63 -8.68
C GLU A 55 2.17 -7.61 -7.56
N ARG A 56 0.92 -7.25 -7.30
CA ARG A 56 0.60 -6.34 -6.22
C ARG A 56 -0.49 -6.93 -5.34
N ARG A 57 -0.31 -6.81 -4.02
CA ARG A 57 -1.36 -7.14 -3.06
C ARG A 57 -1.47 -5.98 -2.07
N GLY A 58 -2.62 -5.30 -2.05
CA GLY A 58 -2.72 -4.06 -1.30
C GLY A 58 -1.66 -3.08 -1.79
N LYS A 59 -0.85 -2.57 -0.88
CA LYS A 59 0.26 -1.69 -1.26
C LYS A 59 1.60 -2.45 -1.31
N PHE A 60 1.54 -3.76 -1.18
CA PHE A 60 2.77 -4.58 -1.30
C PHE A 60 3.07 -4.91 -2.74
N LEU A 61 4.35 -4.86 -3.12
CA LEU A 61 4.78 -5.43 -4.39
C LEU A 61 5.35 -6.81 -4.14
N LYS A 62 5.00 -7.76 -5.01
CA LYS A 62 5.49 -9.13 -4.91
C LYS A 62 6.32 -9.41 -6.15
N PHE A 63 7.64 -9.36 -6.01
CA PHE A 63 8.53 -9.74 -7.10
C PHE A 63 8.62 -11.26 -7.13
N LEU A 64 8.32 -11.86 -8.29
CA LEU A 64 8.39 -13.31 -8.41
C LEU A 64 9.67 -13.68 -9.13
N LEU A 65 10.50 -14.47 -8.46
CA LEU A 65 11.76 -14.93 -9.04
C LEU A 65 11.64 -16.40 -9.39
N ASP A 66 12.75 -17.13 -9.43
CA ASP A 66 12.67 -18.54 -9.80
C ASP A 66 12.06 -19.38 -8.68
N ARG A 67 12.65 -19.34 -7.50
CA ARG A 67 12.09 -20.11 -6.39
C ARG A 67 11.47 -19.21 -5.33
N ASP A 68 11.98 -17.98 -5.23
CA ASP A 68 11.54 -17.07 -4.17
C ASP A 68 10.60 -15.96 -4.64
N ALA A 69 9.89 -15.37 -3.67
CA ALA A 69 9.17 -14.11 -3.88
C ALA A 69 9.80 -13.08 -2.97
N LEU A 70 9.96 -11.86 -3.48
CA LEU A 70 10.42 -10.73 -2.65
C LEU A 70 9.23 -9.83 -2.44
N ILE A 71 8.85 -9.64 -1.18
CA ILE A 71 7.67 -8.85 -0.86
C ILE A 71 8.18 -7.50 -0.36
N SER A 72 7.76 -6.42 -1.01
CA SER A 72 8.32 -5.10 -0.75
C SER A 72 7.20 -4.10 -0.45
N HIS A 73 7.36 -3.35 0.62
CA HIS A 73 6.44 -2.25 0.93
C HIS A 73 7.24 -0.98 0.92
N LEU A 74 6.78 0.02 0.19
CA LEU A 74 7.52 1.27 0.05
C LEU A 74 7.21 2.29 1.14
N ARG A 75 6.19 2.02 1.95
CA ARG A 75 5.71 2.99 2.93
C ARG A 75 5.55 4.36 2.27
N MET A 76 5.96 5.44 2.94
CA MET A 76 5.63 6.78 2.45
C MET A 76 6.45 7.28 1.26
N GLU A 77 7.72 6.89 1.19
CA GLU A 77 8.60 7.52 0.21
C GLU A 77 9.52 6.57 -0.56
N GLY A 78 9.31 5.27 -0.42
CA GLY A 78 10.15 4.30 -1.12
C GLY A 78 9.94 4.39 -2.62
N ARG A 79 10.98 4.13 -3.40
CA ARG A 79 10.89 4.23 -4.85
C ARG A 79 11.90 3.26 -5.48
N TYR A 80 11.51 2.68 -6.62
CA TYR A 80 12.40 1.80 -7.39
C TYR A 80 12.77 2.48 -8.70
N ALA A 81 13.99 2.23 -9.15
CA ALA A 81 14.40 2.71 -10.46
C ALA A 81 15.31 1.66 -11.06
N VAL A 82 15.34 1.59 -12.39
CA VAL A 82 16.29 0.72 -13.08
C VAL A 82 17.30 1.59 -13.81
N ALA A 83 18.58 1.30 -13.60
CA ALA A 83 19.64 2.12 -14.19
C ALA A 83 20.94 1.37 -14.31
N SER A 84 21.92 2.00 -14.95
CA SER A 84 23.21 1.37 -15.20
C SER A 84 24.12 1.26 -13.98
N ALA A 85 24.79 0.13 -13.85
CA ALA A 85 25.78 -0.06 -12.80
C ALA A 85 26.98 0.85 -12.99
N LEU A 86 27.08 1.51 -14.14
CA LEU A 86 28.26 2.34 -14.41
C LEU A 86 28.12 3.74 -13.81
N GLU A 87 26.91 4.12 -13.45
CA GLU A 87 26.63 5.49 -13.02
C GLU A 87 26.61 5.61 -11.49
N PRO A 88 26.98 6.79 -10.98
CA PRO A 88 26.93 6.98 -9.52
C PRO A 88 25.53 6.80 -8.96
N LEU A 89 25.44 6.23 -7.76
CA LEU A 89 24.15 6.07 -7.10
C LEU A 89 23.60 7.42 -6.63
N GLU A 90 22.29 7.56 -6.68
CA GLU A 90 21.63 8.74 -6.13
C GLU A 90 21.52 8.62 -4.61
N PRO A 91 21.28 9.74 -3.93
CA PRO A 91 21.22 9.68 -2.47
C PRO A 91 20.09 8.79 -1.94
N HIS A 92 20.29 8.23 -0.76
CA HIS A 92 19.27 7.44 -0.06
C HIS A 92 18.98 6.12 -0.75
N THR A 93 19.97 5.58 -1.46
CA THR A 93 19.81 4.27 -2.08
C THR A 93 20.23 3.21 -1.10
N HIS A 94 19.28 2.40 -0.65
CA HIS A 94 19.56 1.48 0.45
C HIS A 94 19.69 0.01 0.06
N VAL A 95 19.11 -0.38 -1.07
CA VAL A 95 19.25 -1.76 -1.54
C VAL A 95 19.41 -1.71 -3.05
N VAL A 96 20.36 -2.47 -3.59
CA VAL A 96 20.52 -2.54 -5.03
C VAL A 96 20.58 -3.98 -5.48
N PHE A 97 19.75 -4.33 -6.46
CA PHE A 97 19.84 -5.63 -7.08
C PHE A 97 20.59 -5.48 -8.39
N CYS A 98 21.75 -6.12 -8.50
CA CYS A 98 22.58 -6.03 -9.69
C CYS A 98 22.28 -7.19 -10.62
N PHE A 99 21.97 -6.90 -11.87
CA PHE A 99 21.68 -7.94 -12.86
C PHE A 99 22.89 -8.24 -13.74
N THR A 100 22.87 -9.42 -14.34
CA THR A 100 24.00 -9.86 -15.17
C THR A 100 24.22 -9.02 -16.42
N ASP A 101 23.23 -8.23 -16.82
CA ASP A 101 23.35 -7.36 -18.00
C ASP A 101 23.90 -5.97 -17.68
N GLY A 102 24.36 -5.77 -16.46
CA GLY A 102 24.99 -4.49 -16.12
C GLY A 102 24.02 -3.42 -15.69
N SER A 103 22.73 -3.77 -15.65
CA SER A 103 21.70 -2.89 -15.08
C SER A 103 21.43 -3.27 -13.63
N GLU A 104 20.74 -2.38 -12.93
CA GLU A 104 20.45 -2.55 -11.51
C GLU A 104 19.04 -2.10 -11.22
N LEU A 105 18.40 -2.78 -10.28
CA LEU A 105 17.16 -2.28 -9.69
C LEU A 105 17.55 -1.65 -8.37
N ARG A 106 17.33 -0.34 -8.23
CA ARG A 106 17.73 0.38 -7.04
C ARG A 106 16.51 0.77 -6.23
N TYR A 107 16.61 0.55 -4.92
CA TYR A 107 15.57 0.96 -3.99
C TYR A 107 16.05 2.17 -3.20
N ARG A 108 15.32 3.29 -3.29
CA ARG A 108 15.68 4.50 -2.56
C ARG A 108 14.56 4.81 -1.59
N ASP A 109 14.90 5.36 -0.42
CA ASP A 109 13.90 5.61 0.62
C ASP A 109 14.50 6.56 1.64
N VAL A 110 14.23 7.85 1.48
CA VAL A 110 14.83 8.83 2.39
C VAL A 110 14.41 8.57 3.85
N ARG A 111 13.19 8.07 4.03
CA ARG A 111 12.68 7.80 5.38
C ARG A 111 13.16 6.47 5.97
N LYS A 112 13.63 5.56 5.12
CA LYS A 112 14.07 4.23 5.56
C LYS A 112 12.98 3.43 6.26
N PHE A 113 11.73 3.63 5.87
CA PHE A 113 10.61 2.95 6.53
C PHE A 113 10.19 1.72 5.76
N GLY A 114 10.69 1.57 4.54
CA GLY A 114 10.26 0.48 3.69
C GLY A 114 10.70 -0.87 4.22
N THR A 115 10.04 -1.94 3.79
CA THR A 115 10.40 -3.28 4.25
C THR A 115 10.55 -4.26 3.10
N MET A 116 11.41 -5.26 3.29
CA MET A 116 11.57 -6.36 2.32
C MET A 116 11.58 -7.71 3.02
N HIS A 117 10.77 -8.64 2.52
CA HIS A 117 10.75 -10.00 3.06
C HIS A 117 10.95 -10.96 1.89
N VAL A 118 11.79 -11.99 2.02
CA VAL A 118 11.91 -12.97 0.94
C VAL A 118 11.59 -14.34 1.49
N TYR A 119 10.71 -15.08 0.78
CA TYR A 119 10.43 -16.48 1.13
C TYR A 119 10.27 -17.27 -0.15
N ALA A 120 10.30 -18.60 -0.03
CA ALA A 120 9.91 -19.44 -1.15
C ALA A 120 8.54 -18.99 -1.60
N LYS A 121 8.33 -18.93 -2.92
CA LYS A 121 7.07 -18.43 -3.44
C LYS A 121 5.84 -18.97 -2.75
N GLU A 122 5.85 -20.27 -2.51
CA GLU A 122 4.67 -20.97 -2.04
C GLU A 122 4.35 -20.64 -0.57
N GLU A 123 5.31 -20.02 0.09
CA GLU A 123 5.18 -19.68 1.51
C GLU A 123 4.75 -18.23 1.70
N ALA A 124 5.03 -17.39 0.71
CA ALA A 124 4.88 -15.95 0.89
C ALA A 124 3.47 -15.53 1.37
N ASP A 125 2.43 -16.10 0.78
CA ASP A 125 1.07 -15.68 1.14
C ASP A 125 0.66 -16.08 2.55
N ARG A 126 1.40 -17.00 3.17
CA ARG A 126 1.04 -17.43 4.53
C ARG A 126 2.04 -16.95 5.60
N ARG A 127 2.90 -16.03 5.22
CA ARG A 127 3.88 -15.46 6.14
C ARG A 127 3.70 -13.96 6.20
N PRO A 128 4.29 -13.31 7.21
CA PRO A 128 4.27 -11.84 7.18
C PRO A 128 5.06 -11.37 5.97
N PRO A 129 4.66 -10.25 5.36
CA PRO A 129 3.57 -9.38 5.81
C PRO A 129 2.24 -9.60 5.06
N LEU A 130 2.16 -10.62 4.22
CA LEU A 130 0.96 -10.86 3.42
C LEU A 130 -0.11 -11.65 4.16
N ALA A 131 0.30 -12.41 5.17
CA ALA A 131 -0.56 -13.43 5.77
C ALA A 131 -2.02 -13.03 6.02
N GLU A 132 -2.23 -12.01 6.82
CA GLU A 132 -3.61 -11.72 7.24
C GLU A 132 -4.28 -10.66 6.39
N LEU A 133 -3.69 -10.38 5.24
CA LEU A 133 -4.17 -9.27 4.38
C LEU A 133 -5.60 -9.48 3.88
N GLY A 134 -6.42 -8.44 4.03
CA GLY A 134 -7.79 -8.46 3.56
C GLY A 134 -7.90 -8.42 2.05
N PRO A 135 -9.13 -8.46 1.53
CA PRO A 135 -9.43 -8.52 0.10
C PRO A 135 -9.06 -7.23 -0.62
N GLU A 136 -8.72 -7.33 -1.90
CA GLU A 136 -8.51 -6.15 -2.73
C GLU A 136 -9.79 -5.33 -2.76
N PRO A 137 -9.68 -4.00 -2.63
CA PRO A 137 -10.88 -3.15 -2.59
C PRO A 137 -11.65 -3.17 -3.90
N LEU A 138 -10.98 -3.43 -5.02
CA LEU A 138 -11.64 -3.45 -6.33
C LEU A 138 -12.06 -4.85 -6.76
N SER A 139 -12.03 -5.80 -5.83
CA SER A 139 -12.41 -7.18 -6.15
C SER A 139 -13.80 -7.49 -5.61
N PRO A 140 -14.47 -8.50 -6.18
CA PRO A 140 -15.78 -8.92 -5.67
C PRO A 140 -15.66 -9.45 -4.24
N ALA A 141 -14.45 -9.88 -3.85
CA ALA A 141 -14.22 -10.39 -2.50
C ALA A 141 -14.41 -9.29 -1.44
N PHE A 142 -14.26 -8.03 -1.84
CA PHE A 142 -14.57 -6.94 -0.94
C PHE A 142 -16.00 -6.49 -1.23
N SER A 143 -16.93 -6.87 -0.36
CA SER A 143 -18.33 -6.60 -0.59
C SER A 143 -18.96 -5.85 0.58
N PRO A 144 -20.14 -5.28 0.38
CA PRO A 144 -20.83 -4.65 1.51
C PRO A 144 -21.05 -5.65 2.64
N ALA A 145 -21.35 -6.90 2.30
CA ALA A 145 -21.57 -7.92 3.31
C ALA A 145 -20.33 -8.14 4.16
N VAL A 146 -19.17 -8.19 3.50
CA VAL A 146 -17.91 -8.39 4.20
C VAL A 146 -17.60 -7.19 5.10
N LEU A 147 -17.83 -5.99 4.58
CA LEU A 147 -17.61 -4.78 5.36
C LEU A 147 -18.58 -4.72 6.55
N ALA A 148 -19.84 -5.06 6.31
CA ALA A 148 -20.86 -5.03 7.37
C ALA A 148 -20.51 -5.99 8.50
N GLU A 149 -20.01 -7.16 8.14
CA GLU A 149 -19.66 -8.20 9.12
C GLU A 149 -18.53 -7.74 10.04
N ARG A 150 -17.55 -7.04 9.46
CA ARG A 150 -16.44 -6.52 10.26
C ARG A 150 -16.88 -5.34 11.12
N ALA A 151 -17.77 -4.51 10.58
CA ALA A 151 -18.23 -3.32 11.29
C ALA A 151 -18.99 -3.63 12.58
N VAL A 152 -19.89 -4.61 12.52
CA VAL A 152 -20.74 -4.92 13.67
C VAL A 152 -19.98 -5.54 14.85
N LYS A 153 -18.85 -6.16 14.56
CA LYS A 153 -18.10 -6.90 15.58
C LYS A 153 -16.91 -6.13 16.15
N THR A 154 -16.91 -4.81 15.99
CA THR A 154 -15.85 -3.99 16.56
C THR A 154 -16.40 -2.80 17.33
N LYS A 155 -15.60 -2.29 18.27
CA LYS A 155 -15.99 -1.09 19.00
C LYS A 155 -15.29 0.12 18.40
N ARG A 156 -14.45 -0.11 17.40
CA ARG A 156 -13.65 0.94 16.79
C ARG A 156 -14.43 1.88 15.89
N SER A 157 -13.79 2.98 15.53
CA SER A 157 -14.39 3.95 14.62
C SER A 157 -14.42 3.39 13.20
N VAL A 158 -15.23 4.00 12.34
CA VAL A 158 -15.27 3.55 10.96
C VAL A 158 -13.95 3.84 10.24
N LYS A 159 -13.29 4.94 10.58
CA LYS A 159 -11.96 5.23 10.01
C LYS A 159 -10.94 4.17 10.42
N ALA A 160 -10.92 3.81 11.71
CA ALA A 160 -10.02 2.77 12.18
C ALA A 160 -10.26 1.46 11.45
N LEU A 161 -11.53 1.16 11.20
CA LEU A 161 -11.88 -0.07 10.50
C LEU A 161 -11.33 -0.09 9.07
N LEU A 162 -11.47 1.03 8.36
CA LEU A 162 -11.05 1.08 6.97
C LEU A 162 -9.53 1.07 6.81
N LEU A 163 -8.82 1.53 7.84
CA LEU A 163 -7.36 1.57 7.82
C LEU A 163 -6.76 0.22 8.16
N ASP A 164 -7.61 -0.71 8.58
CA ASP A 164 -7.14 -2.01 9.03
C ASP A 164 -6.89 -2.92 7.83
N CYS A 165 -5.63 -3.29 7.62
CA CYS A 165 -5.26 -4.06 6.44
C CYS A 165 -5.93 -5.43 6.40
N THR A 166 -6.45 -5.89 7.53
CA THR A 166 -7.13 -7.19 7.56
C THR A 166 -8.57 -7.08 7.07
N VAL A 167 -9.10 -5.86 7.03
CA VAL A 167 -10.46 -5.63 6.59
C VAL A 167 -10.50 -5.47 5.08
N VAL A 168 -9.58 -4.66 4.58
CA VAL A 168 -9.48 -4.38 3.14
C VAL A 168 -8.04 -3.99 2.86
N ALA A 169 -7.50 -4.45 1.74
CA ALA A 169 -6.06 -4.32 1.49
C ALA A 169 -5.60 -2.96 0.95
N GLY A 170 -4.73 -2.29 1.70
CA GLY A 170 -4.02 -1.13 1.21
C GLY A 170 -4.82 0.15 0.98
N PHE A 171 -5.87 0.34 1.78
CA PHE A 171 -6.74 1.50 1.60
C PHE A 171 -6.24 2.62 2.51
N GLY A 172 -5.54 3.59 1.92
CA GLY A 172 -4.78 4.55 2.68
C GLY A 172 -5.57 5.73 3.25
N ASN A 173 -4.92 6.47 4.15
CA ASN A 173 -5.54 7.59 4.85
C ASN A 173 -6.27 8.56 3.92
N ILE A 174 -5.62 8.92 2.83
CA ILE A 174 -6.22 9.86 1.89
C ILE A 174 -7.54 9.32 1.33
N TYR A 175 -7.56 8.05 0.95
CA TYR A 175 -8.78 7.49 0.36
C TYR A 175 -9.86 7.21 1.42
N VAL A 176 -9.44 6.94 2.65
CA VAL A 176 -10.39 6.76 3.72
C VAL A 176 -11.15 8.08 3.95
N ASP A 177 -10.42 9.19 4.09
CA ASP A 177 -11.10 10.47 4.32
C ASP A 177 -11.97 10.87 3.12
N GLU A 178 -11.44 10.70 1.90
CA GLU A 178 -12.19 11.05 0.71
C GLU A 178 -13.46 10.22 0.58
N SER A 179 -13.36 8.92 0.85
CA SER A 179 -14.51 8.02 0.69
C SER A 179 -15.59 8.32 1.73
N LEU A 180 -15.17 8.59 2.95
CA LEU A 180 -16.12 8.91 4.00
C LEU A 180 -16.87 10.22 3.68
N PHE A 181 -16.17 11.21 3.13
CA PHE A 181 -16.84 12.44 2.70
C PHE A 181 -17.84 12.15 1.59
N ARG A 182 -17.43 11.38 0.60
CA ARG A 182 -18.31 11.08 -0.53
C ARG A 182 -19.53 10.26 -0.08
N ALA A 183 -19.36 9.47 0.98
CA ALA A 183 -20.46 8.68 1.55
C ALA A 183 -21.32 9.42 2.58
N GLY A 184 -20.88 10.61 3.01
CA GLY A 184 -21.62 11.41 3.99
C GLY A 184 -21.54 10.92 5.43
N ILE A 185 -20.43 10.24 5.75
CA ILE A 185 -20.25 9.61 7.07
C ILE A 185 -19.07 10.22 7.83
N LEU A 186 -19.30 10.63 9.08
CA LEU A 186 -18.20 11.15 9.91
C LEU A 186 -17.20 10.04 10.24
N PRO A 187 -15.89 10.35 10.16
CA PRO A 187 -14.83 9.34 10.38
C PRO A 187 -14.80 8.80 11.81
N GLY A 188 -15.27 9.59 12.77
CA GLY A 188 -15.28 9.18 14.15
C GLY A 188 -16.49 8.37 14.57
N ARG A 189 -17.43 8.16 13.65
CA ARG A 189 -18.58 7.31 13.93
C ARG A 189 -18.10 5.91 14.33
N PRO A 190 -18.69 5.33 15.37
CA PRO A 190 -18.41 3.91 15.66
C PRO A 190 -18.81 3.06 14.45
N ALA A 191 -17.95 2.14 14.03
CA ALA A 191 -18.25 1.32 12.86
C ALA A 191 -19.58 0.59 13.03
N ALA A 192 -19.85 0.14 14.25
CA ALA A 192 -21.05 -0.64 14.52
C ALA A 192 -22.33 0.18 14.45
N SER A 193 -22.20 1.50 14.36
CA SER A 193 -23.37 2.38 14.31
C SER A 193 -23.89 2.63 12.90
N LEU A 194 -23.12 2.22 11.90
CA LEU A 194 -23.53 2.41 10.51
C LEU A 194 -24.71 1.51 10.15
N SER A 195 -25.70 2.11 9.50
CA SER A 195 -26.86 1.35 9.02
C SER A 195 -26.47 0.55 7.80
N SER A 196 -27.34 -0.37 7.39
CA SER A 196 -27.12 -1.13 6.18
C SER A 196 -26.96 -0.19 4.99
N LYS A 197 -27.81 0.83 4.94
CA LYS A 197 -27.74 1.80 3.84
C LYS A 197 -26.41 2.56 3.84
N GLU A 198 -25.91 2.89 5.02
CA GLU A 198 -24.63 3.60 5.12
C GLU A 198 -23.48 2.70 4.69
N ILE A 199 -23.54 1.43 5.09
CA ILE A 199 -22.48 0.48 4.72
C ILE A 199 -22.40 0.31 3.20
N GLU A 200 -23.57 0.17 2.56
CA GLU A 200 -23.61 0.02 1.11
C GLU A 200 -23.11 1.28 0.42
N ARG A 201 -23.51 2.44 0.94
CA ARG A 201 -23.05 3.71 0.40
C ARG A 201 -21.53 3.84 0.53
N LEU A 202 -21.01 3.49 1.72
CA LEU A 202 -19.57 3.58 1.96
C LEU A 202 -18.82 2.64 1.03
N HIS A 203 -19.29 1.41 0.91
CA HIS A 203 -18.67 0.49 -0.01
C HIS A 203 -18.61 1.06 -1.42
N GLU A 204 -19.73 1.62 -1.89
CA GLU A 204 -19.78 2.17 -3.25
C GLU A 204 -18.79 3.31 -3.45
N GLU A 205 -18.69 4.19 -2.47
CA GLU A 205 -17.74 5.30 -2.56
C GLU A 205 -16.28 4.86 -2.42
N MET A 206 -16.02 3.84 -1.61
CA MET A 206 -14.66 3.33 -1.51
C MET A 206 -14.18 2.81 -2.85
N VAL A 207 -15.03 2.02 -3.49
CA VAL A 207 -14.73 1.44 -4.80
C VAL A 207 -14.61 2.52 -5.87
N ALA A 208 -15.52 3.48 -5.86
CA ALA A 208 -15.48 4.57 -6.83
C ALA A 208 -14.22 5.42 -6.66
N THR A 209 -13.89 5.74 -5.40
CA THR A 209 -12.77 6.63 -5.12
C THR A 209 -11.44 6.01 -5.52
N ILE A 210 -11.19 4.78 -5.09
CA ILE A 210 -9.90 4.19 -5.36
C ILE A 210 -9.85 3.70 -6.81
N GLY A 211 -11.00 3.28 -7.33
CA GLY A 211 -11.11 2.85 -8.71
C GLY A 211 -10.79 3.96 -9.71
N GLU A 212 -11.36 5.14 -9.46
CA GLU A 212 -11.06 6.33 -10.26
C GLU A 212 -9.57 6.64 -10.22
N ALA A 213 -8.96 6.52 -9.04
CA ALA A 213 -7.55 6.83 -8.89
C ALA A 213 -6.65 5.82 -9.60
N VAL A 214 -7.03 4.54 -9.56
CA VAL A 214 -6.25 3.50 -10.23
C VAL A 214 -6.32 3.67 -11.75
N MET A 215 -7.50 4.02 -12.24
CA MET A 215 -7.71 4.22 -13.68
C MET A 215 -6.93 5.43 -14.17
N LEU A 238 -9.22 16.68 -4.81
CA LEU A 238 -9.60 16.19 -3.48
C LEU A 238 -10.70 17.06 -2.86
N TYR A 239 -11.55 16.42 -2.07
CA TYR A 239 -12.63 17.13 -1.36
C TYR A 239 -12.22 17.58 0.03
N VAL A 240 -11.50 16.73 0.76
CA VAL A 240 -11.21 17.05 2.16
C VAL A 240 -9.75 16.87 2.57
N TYR A 241 -9.08 15.85 2.03
CA TYR A 241 -7.74 15.55 2.48
C TYR A 241 -6.76 16.71 2.24
N GLY A 242 -6.14 17.18 3.31
CA GLY A 242 -5.21 18.30 3.25
C GLY A 242 -5.87 19.65 3.04
N ARG A 243 -7.19 19.69 3.08
CA ARG A 243 -7.91 20.92 2.74
C ARG A 243 -8.43 21.68 3.95
N GLN A 244 -7.92 21.36 5.14
CA GLN A 244 -8.41 22.03 6.35
C GLN A 244 -8.37 23.55 6.23
N GLY A 245 -9.43 24.18 6.70
CA GLY A 245 -9.53 25.64 6.65
C GLY A 245 -10.06 26.17 5.33
N ASN A 246 -10.05 25.34 4.30
CA ASN A 246 -10.56 25.75 3.00
C ASN A 246 -12.03 25.37 2.85
N PRO A 247 -12.77 26.08 1.98
CA PRO A 247 -14.19 25.77 1.80
C PRO A 247 -14.42 24.39 1.20
N CYS A 248 -15.40 23.69 1.74
CA CYS A 248 -15.87 22.45 1.14
C CYS A 248 -16.29 22.75 -0.29
N LYS A 249 -15.92 21.86 -1.21
CA LYS A 249 -16.21 22.06 -2.62
C LYS A 249 -17.68 21.78 -2.93
N ARG A 250 -18.38 21.20 -1.97
CA ARG A 250 -19.79 20.88 -2.13
C ARG A 250 -20.69 21.90 -1.45
N CYS A 251 -20.29 22.41 -0.27
CA CYS A 251 -21.18 23.30 0.48
C CYS A 251 -20.57 24.61 0.98
N GLY A 252 -19.26 24.75 0.84
CA GLY A 252 -18.58 25.97 1.24
C GLY A 252 -18.17 26.06 2.70
N THR A 253 -18.66 25.13 3.52
CA THR A 253 -18.28 25.08 4.94
C THR A 253 -16.78 24.75 5.04
N PRO A 254 -16.04 25.46 5.91
CA PRO A 254 -14.63 25.11 6.02
C PRO A 254 -14.39 23.68 6.45
N ILE A 255 -13.47 23.02 5.76
CA ILE A 255 -13.09 21.67 6.13
C ILE A 255 -12.35 21.68 7.46
N GLU A 256 -12.60 20.66 8.28
CA GLU A 256 -11.95 20.55 9.58
C GLU A 256 -10.98 19.39 9.63
N LYS A 257 -10.02 19.48 10.54
CA LYS A 257 -9.04 18.43 10.73
C LYS A 257 -8.95 18.11 12.22
N THR A 258 -8.98 16.82 12.53
CA THR A 258 -8.82 16.37 13.90
C THR A 258 -7.97 15.14 13.87
N VAL A 259 -7.81 14.49 15.03
CA VAL A 259 -7.12 13.21 15.09
C VAL A 259 -8.13 12.10 15.33
N VAL A 260 -8.16 11.13 14.42
CA VAL A 260 -9.00 9.96 14.58
C VAL A 260 -8.17 8.72 14.27
N ALA A 261 -8.33 7.69 15.09
CA ALA A 261 -7.54 6.47 14.91
C ALA A 261 -6.06 6.80 14.86
N GLY A 262 -5.66 7.84 15.61
CA GLY A 262 -4.27 8.25 15.67
C GLY A 262 -3.73 8.87 14.39
N ARG A 263 -4.62 9.27 13.49
CA ARG A 263 -4.21 9.85 12.21
C ARG A 263 -4.84 11.22 11.99
N GLY A 264 -4.18 12.05 11.19
CA GLY A 264 -4.78 13.29 10.74
C GLY A 264 -6.04 12.93 9.96
N THR A 265 -7.13 13.62 10.25
CA THR A 265 -8.43 13.24 9.70
C THR A 265 -9.20 14.49 9.27
N HIS A 266 -9.64 14.50 8.02
CA HIS A 266 -10.26 15.69 7.45
C HIS A 266 -11.71 15.39 7.10
N TYR A 267 -12.60 16.34 7.35
CA TYR A 267 -14.00 16.10 7.07
C TYR A 267 -14.77 17.42 6.93
N CYS A 268 -15.94 17.36 6.30
CA CYS A 268 -16.86 18.50 6.30
C CYS A 268 -17.91 18.25 7.37
N PRO A 269 -17.99 19.16 8.35
CA PRO A 269 -18.89 18.94 9.49
C PRO A 269 -20.36 19.16 9.13
N ARG A 270 -20.62 19.76 7.97
CA ARG A 270 -22.00 19.93 7.53
C ARG A 270 -22.52 18.71 6.78
N CYS A 271 -21.71 18.17 5.89
CA CYS A 271 -22.17 17.14 4.99
C CYS A 271 -21.92 15.70 5.43
N GLN A 272 -21.07 15.53 6.42
CA GLN A 272 -20.85 14.21 6.97
C GLN A 272 -21.55 14.12 8.32
N ARG A 273 -22.22 12.99 8.56
CA ARG A 273 -23.03 12.80 9.76
C ARG A 273 -22.76 11.48 10.48
P TX2 C 11 1.53 -6.39 8.39
S TX2 C 11 -2.94 -7.11 7.48
N1 TX2 C 11 3.30 -4.30 12.69
C2 TX2 C 11 3.68 -3.40 13.67
O2 TX2 C 11 4.85 -3.35 14.03
N3 TX2 C 11 2.73 -2.56 14.25
C4 TX2 C 11 1.40 -2.62 13.83
N4 TX2 C 11 0.21 -7.11 7.79
O4 TX2 C 11 0.56 -1.86 14.34
C5 TX2 C 11 1.02 -3.53 12.85
C6 TX2 C 11 1.96 -4.36 12.28
C7 TX2 C 11 -0.44 -3.60 12.39
C1' TX2 C 11 4.33 -5.18 12.09
C2' TX2 C 11 4.50 -6.45 12.93
C3' TX2 C 11 4.12 -7.60 12.01
O3' TX2 C 11 5.28 -8.35 11.63
C4' TX2 C 11 3.48 -6.94 10.78
O4' TX2 C 11 3.96 -5.57 10.75
C5' TX2 C 11 1.95 -7.02 10.92
O5' TX2 C 11 1.26 -6.18 9.96
C7' TX2 C 11 -0.36 -6.73 6.49
C8' TX2 C 11 -1.63 -7.54 6.27
OP1 TX2 C 11 2.60 -7.42 8.37
ZN ZN D . -19.55 20.31 2.79
#